data_7L5T
#
_entry.id   7L5T
#
_cell.length_a   48.940
_cell.length_b   95.451
_cell.length_c   125.974
_cell.angle_alpha   90.000
_cell.angle_beta   90.000
_cell.angle_gamma   90.000
#
_symmetry.space_group_name_H-M   'P 21 21 21'
#
loop_
_entity.id
_entity.type
_entity.pdbx_description
1 polymer Beta-lactamase
2 non-polymer (2E)-3-[(4-hydroxy-2-oxobutyl)amino]prop-2-enal
3 non-polymer 'SULFATE ION'
4 non-polymer 'CHLORIDE ION'
5 water water
#
_entity_poly.entity_id   1
_entity_poly.type   'polypeptide(L)'
_entity_poly.pdbx_seq_one_letter_code
;SNSITENTSWNKEFSAEAVNGVFVLCKSSSKSCATNDLARASKEYLPASTF(KCX)IPNAIIGLETGVIKNEHQVFKWDG
KPRAMKQWERDLTLRGAIQVSAVPVFQQIAREVGEVRMQKYLKKFSYGNQNISGGIDKFWLEDQLRISAVNQVEFLESLY
LNKLSASKENQLIVKEALVTEAAPEYLVHSKTGFSGVGTESNPGVAWWVGWVEKETEVYFFAFNMDIDNESKLPLRKSIP
TKIMESEGIIGG
;
_entity_poly.pdbx_strand_id   A,B
#
loop_
_chem_comp.id
_chem_comp.type
_chem_comp.name
_chem_comp.formula
CL non-polymer 'CHLORIDE ION' 'Cl -1'
ISS non-polymer (2E)-3-[(4-hydroxy-2-oxobutyl)amino]prop-2-enal 'C7 H11 N O3'
SO4 non-polymer 'SULFATE ION' 'O4 S -2'
#
# COMPACT_ATOMS: atom_id res chain seq x y z
N ASN A 2 6.24 -27.39 13.66
CA ASN A 2 6.43 -25.94 14.02
C ASN A 2 7.69 -25.80 14.88
N SER A 3 8.26 -24.59 14.96
CA SER A 3 9.46 -24.43 15.81
C SER A 3 9.91 -22.98 15.90
N ILE A 4 10.56 -22.67 17.01
CA ILE A 4 11.24 -21.36 17.23
C ILE A 4 12.71 -21.68 17.46
N THR A 5 13.60 -21.09 16.66
CA THR A 5 15.07 -21.36 16.76
C THR A 5 15.81 -20.10 17.17
N GLU A 6 16.70 -20.21 18.15
CA GLU A 6 17.45 -19.05 18.68
C GLU A 6 18.63 -18.80 17.74
N ASN A 7 18.81 -17.53 17.36
CA ASN A 7 19.85 -17.02 16.42
C ASN A 7 20.70 -15.98 17.18
N THR A 8 21.87 -16.40 17.67
CA THR A 8 22.80 -15.55 18.45
C THR A 8 23.43 -14.46 17.57
N SER A 9 23.22 -14.49 16.25
CA SER A 9 23.91 -13.48 15.38
C SER A 9 23.21 -12.12 15.39
N TRP A 10 22.10 -11.97 16.13
CA TRP A 10 21.42 -10.64 16.19
C TRP A 10 21.66 -9.96 17.54
N ASN A 11 22.27 -10.67 18.50
CA ASN A 11 22.53 -10.15 19.87
C ASN A 11 23.32 -8.83 19.81
N LYS A 12 24.26 -8.72 18.88
CA LYS A 12 25.11 -7.50 18.70
C LYS A 12 24.22 -6.25 18.55
N GLU A 13 23.17 -6.34 17.74
CA GLU A 13 22.28 -5.19 17.45
C GLU A 13 21.60 -4.74 18.75
N PHE A 14 21.35 -5.68 19.69
CA PHE A 14 20.67 -5.37 20.97
C PHE A 14 21.67 -4.81 22.00
N SER A 15 22.78 -5.53 22.21
CA SER A 15 23.78 -5.11 23.24
C SER A 15 24.48 -3.80 22.86
N ALA A 16 24.67 -3.55 21.55
CA ALA A 16 25.30 -2.28 21.11
C ALA A 16 24.48 -1.08 21.59
N GLU A 17 23.18 -1.30 21.83
CA GLU A 17 22.25 -0.23 22.29
C GLU A 17 21.82 -0.49 23.74
N ALA A 18 22.35 -1.54 24.37
CA ALA A 18 21.97 -1.91 25.76
C ALA A 18 20.45 -2.10 25.87
N VAL A 19 19.84 -2.78 24.88
CA VAL A 19 18.37 -2.99 24.86
C VAL A 19 18.05 -4.43 25.31
N ASN A 20 17.02 -4.57 26.14
CA ASN A 20 16.47 -5.89 26.55
C ASN A 20 15.20 -6.09 25.71
N GLY A 21 15.27 -6.96 24.70
CA GLY A 21 14.12 -7.12 23.80
C GLY A 21 14.21 -8.39 22.98
N VAL A 22 13.25 -8.55 22.08
CA VAL A 22 13.25 -9.76 21.22
C VAL A 22 12.86 -9.38 19.79
N PHE A 23 13.47 -10.06 18.85
CA PHE A 23 13.07 -9.96 17.43
C PHE A 23 12.73 -11.38 16.98
N VAL A 24 11.57 -11.51 16.33
CA VAL A 24 11.10 -12.79 15.72
C VAL A 24 10.94 -12.54 14.22
N LEU A 25 11.54 -13.39 13.40
CA LEU A 25 11.52 -13.25 11.92
C LEU A 25 11.23 -14.63 11.33
N CYS A 26 10.16 -14.71 10.54
CA CYS A 26 9.74 -16.00 9.93
C CYS A 26 9.62 -15.83 8.41
N LYS A 27 10.32 -16.67 7.65
CA LYS A 27 10.23 -16.63 6.17
C LYS A 27 9.11 -17.57 5.70
N SER A 28 8.28 -17.08 4.78
N SER A 28 8.28 -17.07 4.77
CA SER A 28 7.20 -17.85 4.09
CA SER A 28 7.18 -17.80 4.08
C SER A 28 6.01 -18.10 5.03
C SER A 28 6.00 -18.10 5.02
N SER A 29 6.27 -18.51 6.26
CA SER A 29 5.15 -18.84 7.19
C SER A 29 5.62 -18.77 8.64
N SER A 30 4.66 -18.85 9.58
CA SER A 30 4.95 -18.86 11.03
C SER A 30 5.35 -20.26 11.50
N LYS A 31 5.50 -21.22 10.58
CA LYS A 31 5.90 -22.62 10.91
C LYS A 31 7.32 -22.64 11.48
N SER A 32 8.24 -21.86 10.90
CA SER A 32 9.64 -21.83 11.38
C SER A 32 10.07 -20.38 11.61
N CYS A 33 10.23 -19.99 12.87
CA CYS A 33 10.65 -18.61 13.23
C CYS A 33 12.04 -18.63 13.85
N ALA A 34 12.78 -17.54 13.62
CA ALA A 34 14.13 -17.33 14.18
C ALA A 34 14.03 -16.18 15.18
N THR A 35 14.79 -16.26 16.26
CA THR A 35 14.74 -15.22 17.31
C THR A 35 16.07 -15.12 18.05
N ASN A 36 16.32 -13.98 18.66
CA ASN A 36 17.53 -13.81 19.52
C ASN A 36 17.23 -14.37 20.92
N ASP A 37 15.95 -14.60 21.25
CA ASP A 37 15.62 -15.04 22.64
C ASP A 37 14.36 -15.93 22.63
N LEU A 38 14.55 -17.25 22.78
CA LEU A 38 13.41 -18.22 22.79
C LEU A 38 12.40 -17.84 23.88
N ALA A 39 12.87 -17.58 25.10
CA ALA A 39 11.95 -17.30 26.23
C ALA A 39 11.11 -16.05 25.96
N ARG A 40 11.75 -14.94 25.60
CA ARG A 40 10.99 -13.68 25.41
C ARG A 40 10.14 -13.74 24.13
N ALA A 41 10.48 -14.59 23.16
CA ALA A 41 9.69 -14.63 21.91
C ALA A 41 8.22 -15.02 22.21
N SER A 42 8.01 -15.87 23.20
CA SER A 42 6.65 -16.36 23.53
C SER A 42 6.09 -15.64 24.77
N LYS A 43 6.84 -14.72 25.37
CA LYS A 43 6.34 -13.97 26.55
C LYS A 43 5.30 -12.94 26.08
N GLU A 44 4.19 -12.85 26.80
CA GLU A 44 3.07 -11.97 26.35
C GLU A 44 3.21 -10.58 27.00
N TYR A 45 3.08 -9.53 26.18
CA TYR A 45 3.15 -8.11 26.64
C TYR A 45 1.90 -7.33 26.22
N LEU A 46 1.59 -6.23 26.92
CA LEU A 46 0.53 -5.28 26.46
C LEU A 46 0.79 -4.95 25.00
N PRO A 47 -0.22 -5.06 24.10
CA PRO A 47 0.00 -4.75 22.69
C PRO A 47 0.11 -3.26 22.36
N ALA A 48 -0.50 -2.40 23.18
CA ALA A 48 -0.50 -0.95 22.95
C ALA A 48 -1.03 -0.68 21.53
N SER A 49 -0.42 0.24 20.78
CA SER A 49 -0.99 0.61 19.45
C SER A 49 -0.98 -0.53 18.43
N THR A 50 -0.26 -1.63 18.65
CA THR A 50 -0.37 -2.76 17.67
C THR A 50 -1.80 -3.31 17.69
N PHE A 51 -2.56 -3.06 18.76
CA PHE A 51 -3.96 -3.53 18.83
C PHE A 51 -4.85 -2.81 17.81
N KCX A 52 -4.36 -1.71 17.21
CA KCX A 52 -5.17 -1.02 16.22
CB KCX A 52 -4.56 0.32 15.85
CG KCX A 52 -4.59 1.33 16.98
CD KCX A 52 -4.02 2.68 16.61
CE KCX A 52 -4.29 3.69 17.72
NZ KCX A 52 -3.68 3.30 18.97
C KCX A 52 -5.41 -1.91 14.99
O KCX A 52 -6.33 -1.66 14.23
CX KCX A 52 -4.35 2.68 19.96
OQ1 KCX A 52 -3.80 2.30 20.97
OQ2 KCX A 52 -5.67 2.50 19.77
N ILE A 53 -4.56 -2.92 14.78
CA ILE A 53 -4.73 -3.80 13.64
C ILE A 53 -6.00 -4.63 13.86
N PRO A 54 -6.13 -5.47 14.92
CA PRO A 54 -7.39 -6.20 15.10
C PRO A 54 -8.58 -5.25 15.33
N ASN A 55 -8.36 -4.13 16.01
CA ASN A 55 -9.44 -3.15 16.30
C ASN A 55 -10.01 -2.61 14.96
N ALA A 56 -9.14 -2.30 13.99
CA ALA A 56 -9.61 -1.82 12.68
C ALA A 56 -10.40 -2.94 11.98
N ILE A 57 -9.89 -4.18 11.98
CA ILE A 57 -10.62 -5.30 11.31
C ILE A 57 -11.99 -5.47 11.96
N ILE A 58 -12.02 -5.50 13.28
CA ILE A 58 -13.29 -5.69 14.03
C ILE A 58 -14.22 -4.51 13.73
N GLY A 59 -13.70 -3.29 13.74
CA GLY A 59 -14.54 -2.12 13.43
C GLY A 59 -15.20 -2.27 12.07
N LEU A 60 -14.45 -2.74 11.07
CA LEU A 60 -15.00 -2.92 9.71
C LEU A 60 -15.99 -4.08 9.67
N GLU A 61 -15.64 -5.20 10.32
CA GLU A 61 -16.54 -6.40 10.30
C GLU A 61 -17.89 -6.09 10.94
N THR A 62 -17.90 -5.35 12.04
CA THR A 62 -19.15 -5.02 12.78
C THR A 62 -19.90 -3.84 12.12
N GLY A 63 -19.30 -3.16 11.15
CA GLY A 63 -19.96 -1.99 10.52
C GLY A 63 -19.76 -0.71 11.33
N VAL A 64 -19.03 -0.76 12.43
CA VAL A 64 -18.75 0.46 13.26
C VAL A 64 -17.95 1.43 12.39
N ILE A 65 -17.01 0.86 11.63
CA ILE A 65 -16.29 1.62 10.58
C ILE A 65 -17.11 1.31 9.33
N LYS A 66 -17.84 2.31 8.84
CA LYS A 66 -18.85 2.10 7.77
C LYS A 66 -18.22 1.59 6.49
N ASN A 67 -17.03 2.07 6.14
CA ASN A 67 -16.40 1.60 4.88
C ASN A 67 -14.94 2.05 4.78
N GLU A 68 -14.31 1.66 3.69
CA GLU A 68 -12.88 1.93 3.39
C GLU A 68 -12.54 3.44 3.54
N HIS A 69 -13.42 4.31 3.06
CA HIS A 69 -13.14 5.77 2.98
C HIS A 69 -13.77 6.57 4.12
N GLN A 70 -14.15 5.90 5.20
CA GLN A 70 -14.67 6.54 6.44
C GLN A 70 -13.71 7.66 6.89
N VAL A 71 -14.23 8.86 7.13
CA VAL A 71 -13.39 9.93 7.75
C VAL A 71 -13.82 10.03 9.22
N PHE A 72 -12.85 9.99 10.13
CA PHE A 72 -13.11 10.11 11.58
C PHE A 72 -12.95 11.59 11.91
N LYS A 73 -14.08 12.27 12.07
CA LYS A 73 -14.05 13.74 12.25
C LYS A 73 -13.59 14.10 13.66
N TRP A 74 -12.78 15.14 13.74
CA TRP A 74 -12.34 15.65 15.05
C TRP A 74 -13.40 16.65 15.55
N ASP A 75 -13.94 16.41 16.75
CA ASP A 75 -14.98 17.28 17.35
C ASP A 75 -14.39 18.60 17.86
N GLY A 76 -13.07 18.80 17.77
CA GLY A 76 -12.50 20.09 18.22
C GLY A 76 -12.11 20.09 19.71
N LYS A 77 -12.36 19.00 20.43
CA LYS A 77 -12.02 18.89 21.88
C LYS A 77 -10.57 18.42 22.00
N PRO A 78 -9.84 18.87 23.05
CA PRO A 78 -8.44 18.52 23.20
C PRO A 78 -8.14 17.02 23.14
N ARG A 79 -7.12 16.65 22.35
CA ARG A 79 -6.61 15.26 22.28
C ARG A 79 -5.16 15.25 22.75
N ALA A 80 -4.71 14.12 23.28
CA ALA A 80 -3.39 14.00 23.97
C ALA A 80 -2.20 14.32 23.05
N MET A 81 -2.38 14.27 21.73
CA MET A 81 -1.30 14.65 20.79
C MET A 81 -1.88 15.60 19.73
N LYS A 82 -1.12 16.63 19.37
CA LYS A 82 -1.58 17.62 18.36
C LYS A 82 -1.85 16.92 17.02
N GLN A 83 -1.08 15.87 16.68
CA GLN A 83 -1.27 15.15 15.39
C GLN A 83 -2.60 14.38 15.39
N TRP A 84 -3.30 14.30 16.53
CA TRP A 84 -4.63 13.62 16.55
C TRP A 84 -5.77 14.64 16.39
N GLU A 85 -5.44 15.94 16.48
CA GLU A 85 -6.47 17.02 16.45
C GLU A 85 -6.78 17.39 15.00
N ARG A 86 -7.35 16.45 14.25
CA ARG A 86 -7.71 16.72 12.84
C ARG A 86 -8.57 15.56 12.35
N ASP A 87 -9.32 15.80 11.29
CA ASP A 87 -10.07 14.69 10.67
C ASP A 87 -9.03 13.69 10.14
N LEU A 88 -9.33 12.40 10.25
CA LEU A 88 -8.39 11.32 9.89
C LEU A 88 -9.11 10.24 9.08
N THR A 89 -8.41 9.71 8.07
CA THR A 89 -8.87 8.51 7.36
C THR A 89 -8.49 7.31 8.24
N LEU A 90 -8.87 6.10 7.83
CA LEU A 90 -8.45 4.92 8.63
C LEU A 90 -6.92 4.82 8.55
N ARG A 91 -6.34 4.97 7.35
CA ARG A 91 -4.86 4.90 7.28
C ARG A 91 -4.26 6.01 8.15
N GLY A 92 -4.80 7.21 8.08
CA GLY A 92 -4.26 8.33 8.85
C GLY A 92 -4.30 8.05 10.36
N ALA A 93 -5.42 7.50 10.84
CA ALA A 93 -5.59 7.20 12.28
C ALA A 93 -4.60 6.10 12.70
N ILE A 94 -4.38 5.14 11.81
CA ILE A 94 -3.44 4.01 12.09
C ILE A 94 -2.01 4.55 12.10
N GLN A 95 -1.62 5.32 11.08
CA GLN A 95 -0.21 5.81 10.94
C GLN A 95 0.18 6.76 12.08
N VAL A 96 -0.72 7.60 12.59
CA VAL A 96 -0.33 8.48 13.73
C VAL A 96 -0.77 7.85 15.07
N SER A 97 -1.27 6.60 15.07
CA SER A 97 -1.72 5.89 16.30
C SER A 97 -2.72 6.75 17.08
N ALA A 98 -3.77 7.23 16.41
CA ALA A 98 -4.78 8.11 17.02
C ALA A 98 -5.64 7.32 18.04
N VAL A 99 -5.13 7.16 19.24
CA VAL A 99 -5.82 6.44 20.34
C VAL A 99 -7.31 6.79 20.45
N PRO A 100 -7.73 8.08 20.51
CA PRO A 100 -9.13 8.39 20.77
C PRO A 100 -10.08 7.90 19.66
N VAL A 101 -9.60 7.85 18.42
CA VAL A 101 -10.40 7.30 17.28
C VAL A 101 -10.70 5.83 17.57
N PHE A 102 -9.67 5.08 17.97
CA PHE A 102 -9.80 3.64 18.27
C PHE A 102 -10.55 3.39 19.58
N GLN A 103 -10.46 4.32 20.51
CA GLN A 103 -11.23 4.18 21.77
C GLN A 103 -12.72 4.22 21.42
N GLN A 104 -13.12 5.13 20.54
CA GLN A 104 -14.56 5.27 20.22
C GLN A 104 -14.99 4.05 19.39
N ILE A 105 -14.14 3.56 18.48
CA ILE A 105 -14.46 2.30 17.74
C ILE A 105 -14.71 1.17 18.74
N ALA A 106 -13.82 1.01 19.73
CA ALA A 106 -13.95 -0.09 20.72
C ALA A 106 -15.25 0.06 21.51
N ARG A 107 -15.59 1.27 21.92
CA ARG A 107 -16.83 1.52 22.70
C ARG A 107 -18.05 1.06 21.87
N GLU A 108 -18.05 1.37 20.57
CA GLU A 108 -19.19 1.02 19.69
C GLU A 108 -19.20 -0.50 19.42
N VAL A 109 -18.03 -1.10 19.22
CA VAL A 109 -17.95 -2.59 19.08
C VAL A 109 -18.58 -3.22 20.34
N GLY A 110 -18.16 -2.76 21.51
CA GLY A 110 -18.71 -3.26 22.78
C GLY A 110 -17.98 -4.52 23.24
N GLU A 111 -18.07 -4.82 24.55
CA GLU A 111 -17.31 -5.94 25.18
C GLU A 111 -17.68 -7.30 24.58
N VAL A 112 -18.97 -7.54 24.33
CA VAL A 112 -19.38 -8.90 23.85
C VAL A 112 -18.77 -9.18 22.47
N ARG A 113 -18.92 -8.24 21.53
CA ARG A 113 -18.36 -8.49 20.16
C ARG A 113 -16.82 -8.48 20.22
N MET A 114 -16.23 -7.60 21.02
CA MET A 114 -14.75 -7.56 21.10
C MET A 114 -14.24 -8.93 21.57
N GLN A 115 -14.85 -9.50 22.62
CA GLN A 115 -14.42 -10.83 23.13
C GLN A 115 -14.55 -11.90 22.03
N LYS A 116 -15.71 -11.94 21.36
CA LYS A 116 -15.95 -12.94 20.28
C LYS A 116 -14.83 -12.86 19.22
N TYR A 117 -14.52 -11.66 18.75
CA TYR A 117 -13.47 -11.57 17.69
C TYR A 117 -12.07 -11.91 18.21
N LEU A 118 -11.71 -11.48 19.41
CA LEU A 118 -10.32 -11.81 19.85
C LEU A 118 -10.20 -13.33 20.02
N LYS A 119 -11.31 -14.00 20.33
CA LYS A 119 -11.31 -15.49 20.41
C LYS A 119 -11.12 -16.06 19.00
N LYS A 120 -11.85 -15.53 18.03
CA LYS A 120 -11.72 -16.00 16.63
C LYS A 120 -10.29 -15.76 16.12
N PHE A 121 -9.72 -14.60 16.48
CA PHE A 121 -8.35 -14.22 16.02
C PHE A 121 -7.24 -14.89 16.82
N SER A 122 -7.56 -15.67 17.87
CA SER A 122 -6.52 -16.25 18.77
C SER A 122 -5.53 -15.15 19.18
N TYR A 123 -6.05 -14.02 19.63
CA TYR A 123 -5.24 -12.83 19.93
C TYR A 123 -4.74 -12.84 21.38
N GLY A 124 -3.56 -13.42 21.59
CA GLY A 124 -2.92 -13.43 22.91
C GLY A 124 -3.78 -14.05 24.00
N ASN A 125 -3.82 -13.42 25.17
CA ASN A 125 -4.57 -14.00 26.30
C ASN A 125 -6.06 -13.67 26.19
N GLN A 126 -6.44 -12.86 25.20
CA GLN A 126 -7.86 -12.52 24.90
C GLN A 126 -8.53 -11.87 26.13
N ASN A 127 -7.75 -11.22 27.00
CA ASN A 127 -8.29 -10.62 28.25
C ASN A 127 -8.65 -9.16 27.98
N ILE A 128 -9.95 -8.87 27.86
CA ILE A 128 -10.38 -7.46 27.58
C ILE A 128 -10.96 -6.78 28.82
N SER A 129 -10.71 -7.32 30.01
CA SER A 129 -11.27 -6.72 31.26
C SER A 129 -10.63 -5.36 31.57
N GLY A 130 -11.30 -4.57 32.42
CA GLY A 130 -10.76 -3.30 32.95
C GLY A 130 -11.32 -2.04 32.29
N GLY A 131 -12.08 -2.18 31.20
CA GLY A 131 -12.59 -0.96 30.51
C GLY A 131 -12.47 -1.13 29.02
N ILE A 132 -13.60 -1.06 28.31
CA ILE A 132 -13.66 -1.31 26.84
C ILE A 132 -12.81 -0.32 26.04
N ASP A 133 -12.44 0.83 26.61
CA ASP A 133 -11.73 1.87 25.83
C ASP A 133 -10.28 2.01 26.29
N LYS A 134 -9.73 1.02 27.02
CA LYS A 134 -8.31 1.14 27.45
C LYS A 134 -7.69 -0.22 27.81
N PHE A 135 -8.37 -1.35 27.57
CA PHE A 135 -7.84 -2.68 27.97
C PHE A 135 -6.49 -2.97 27.29
N TRP A 136 -6.31 -2.57 26.04
CA TRP A 136 -5.06 -2.85 25.29
C TRP A 136 -3.93 -1.86 25.63
N LEU A 137 -4.25 -0.79 26.38
CA LEU A 137 -3.31 0.31 26.74
C LEU A 137 -2.82 0.19 28.19
N GLU A 138 -3.68 -0.28 29.08
CA GLU A 138 -3.37 -0.16 30.52
C GLU A 138 -3.74 -1.41 31.30
N ASP A 139 -4.54 -2.31 30.73
CA ASP A 139 -5.08 -3.40 31.59
C ASP A 139 -4.35 -4.74 31.40
N GLN A 140 -5.13 -5.79 31.14
N GLN A 140 -5.12 -5.83 31.19
CA GLN A 140 -4.59 -7.17 31.23
CA GLN A 140 -4.51 -7.19 31.23
C GLN A 140 -4.42 -7.85 29.86
C GLN A 140 -4.41 -7.86 29.86
N LEU A 141 -4.74 -7.19 28.75
CA LEU A 141 -4.56 -7.87 27.42
C LEU A 141 -3.05 -8.03 27.18
N ARG A 142 -2.62 -9.22 26.80
CA ARG A 142 -1.18 -9.50 26.53
C ARG A 142 -1.05 -10.40 25.31
N ILE A 143 -0.01 -10.16 24.52
CA ILE A 143 0.26 -10.99 23.30
C ILE A 143 1.78 -11.07 23.11
N SER A 144 2.25 -12.19 22.60
CA SER A 144 3.72 -12.36 22.37
C SER A 144 4.09 -11.99 20.95
N ALA A 145 5.40 -11.83 20.73
CA ALA A 145 5.96 -11.59 19.39
C ALA A 145 5.58 -12.76 18.46
N VAL A 146 5.63 -14.00 18.94
CA VAL A 146 5.29 -15.16 18.06
C VAL A 146 3.79 -15.10 17.70
N ASN A 147 2.94 -14.77 18.68
CA ASN A 147 1.48 -14.70 18.43
C ASN A 147 1.22 -13.54 17.45
N GLN A 148 1.98 -12.44 17.54
CA GLN A 148 1.80 -11.32 16.57
C GLN A 148 2.10 -11.85 15.15
N VAL A 149 3.21 -12.57 14.98
CA VAL A 149 3.53 -13.04 13.60
C VAL A 149 2.45 -14.02 13.12
N GLU A 150 1.92 -14.88 14.00
CA GLU A 150 0.85 -15.82 13.59
C GLU A 150 -0.39 -15.04 13.11
N PHE A 151 -0.78 -14.02 13.88
CA PHE A 151 -1.94 -13.15 13.54
C PHE A 151 -1.72 -12.42 12.20
N LEU A 152 -0.54 -11.81 12.03
CA LEU A 152 -0.22 -11.08 10.78
C LEU A 152 -0.16 -12.06 9.59
N GLU A 153 0.34 -13.28 9.80
CA GLU A 153 0.31 -14.28 8.71
C GLU A 153 -1.16 -14.57 8.33
N SER A 154 -2.04 -14.73 9.32
CA SER A 154 -3.48 -14.98 9.03
C SER A 154 -4.06 -13.82 8.21
N LEU A 155 -3.72 -12.58 8.58
CA LEU A 155 -4.18 -11.37 7.85
C LEU A 155 -3.61 -11.40 6.43
N TYR A 156 -2.32 -11.67 6.32
CA TYR A 156 -1.67 -11.71 4.98
C TYR A 156 -2.42 -12.69 4.07
N LEU A 157 -2.80 -13.85 4.60
CA LEU A 157 -3.44 -14.92 3.80
C LEU A 157 -4.97 -14.72 3.71
N ASN A 158 -5.51 -13.63 4.28
CA ASN A 158 -6.99 -13.38 4.33
C ASN A 158 -7.68 -14.53 5.09
N LYS A 159 -6.99 -15.12 6.06
CA LYS A 159 -7.56 -16.27 6.80
C LYS A 159 -8.18 -15.83 8.13
N LEU A 160 -8.20 -14.53 8.44
CA LEU A 160 -8.91 -14.13 9.69
C LEU A 160 -10.41 -14.27 9.45
N SER A 161 -11.18 -14.34 10.54
CA SER A 161 -12.66 -14.47 10.50
C SER A 161 -13.25 -13.09 10.21
N ALA A 162 -13.12 -12.68 8.95
CA ALA A 162 -13.55 -11.35 8.47
C ALA A 162 -13.60 -11.44 6.95
N SER A 163 -14.29 -10.52 6.28
CA SER A 163 -14.35 -10.59 4.80
C SER A 163 -12.95 -10.35 4.21
N LYS A 164 -12.70 -10.88 3.02
CA LYS A 164 -11.41 -10.58 2.36
C LYS A 164 -11.33 -9.07 2.12
N GLU A 165 -12.45 -8.43 1.73
CA GLU A 165 -12.48 -6.96 1.50
C GLU A 165 -11.94 -6.24 2.74
N ASN A 166 -12.47 -6.54 3.92
CA ASN A 166 -12.04 -5.83 5.16
C ASN A 166 -10.56 -6.11 5.45
N GLN A 167 -10.10 -7.33 5.21
CA GLN A 167 -8.66 -7.61 5.48
C GLN A 167 -7.82 -6.83 4.46
N LEU A 168 -8.27 -6.70 3.21
CA LEU A 168 -7.49 -5.95 2.19
C LEU A 168 -7.43 -4.46 2.56
N ILE A 169 -8.54 -3.93 3.07
CA ILE A 169 -8.60 -2.49 3.48
C ILE A 169 -7.56 -2.25 4.57
N VAL A 170 -7.50 -3.14 5.56
CA VAL A 170 -6.55 -2.90 6.68
C VAL A 170 -5.11 -3.12 6.20
N LYS A 171 -4.88 -4.11 5.34
CA LYS A 171 -3.50 -4.34 4.84
C LYS A 171 -3.00 -3.10 4.11
N GLU A 172 -3.85 -2.45 3.29
CA GLU A 172 -3.38 -1.24 2.56
C GLU A 172 -3.12 -0.11 3.57
N ALA A 173 -3.93 0.00 4.62
CA ALA A 173 -3.73 1.07 5.62
C ALA A 173 -2.40 0.86 6.38
N LEU A 174 -1.87 -0.38 6.40
CA LEU A 174 -0.62 -0.68 7.15
C LEU A 174 0.63 -0.51 6.28
N VAL A 175 0.50 -0.17 4.99
CA VAL A 175 1.74 0.01 4.18
C VAL A 175 2.54 1.19 4.75
N THR A 176 3.84 1.00 5.00
CA THR A 176 4.70 2.05 5.62
C THR A 176 5.93 2.28 4.75
N GLU A 177 6.27 1.33 3.87
CA GLU A 177 7.40 1.58 2.95
C GLU A 177 7.16 0.85 1.64
N ALA A 178 7.38 1.55 0.54
CA ALA A 178 7.22 0.91 -0.79
C ALA A 178 8.51 1.13 -1.59
N ALA A 179 9.00 0.06 -2.18
CA ALA A 179 10.16 0.10 -3.08
C ALA A 179 9.82 -0.78 -4.28
N PRO A 180 10.53 -0.67 -5.40
CA PRO A 180 10.25 -1.54 -6.55
C PRO A 180 10.36 -3.02 -6.14
N GLU A 181 11.30 -3.35 -5.25
CA GLU A 181 11.58 -4.77 -4.87
C GLU A 181 10.69 -5.25 -3.72
N TYR A 182 10.19 -4.34 -2.87
CA TYR A 182 9.42 -4.84 -1.70
C TYR A 182 8.41 -3.81 -1.19
N LEU A 183 7.49 -4.33 -0.39
CA LEU A 183 6.42 -3.55 0.26
C LEU A 183 6.46 -3.92 1.75
N VAL A 184 6.58 -2.92 2.62
CA VAL A 184 6.57 -3.19 4.09
C VAL A 184 5.21 -2.77 4.64
N HIS A 185 4.57 -3.66 5.40
CA HIS A 185 3.34 -3.39 6.17
C HIS A 185 3.76 -3.44 7.63
N SER A 186 3.45 -2.42 8.43
CA SER A 186 3.98 -2.47 9.80
C SER A 186 3.16 -1.58 10.72
N LYS A 187 3.35 -1.78 12.02
CA LYS A 187 2.61 -1.01 13.04
C LYS A 187 3.49 -0.90 14.28
N THR A 188 3.61 0.32 14.81
CA THR A 188 4.37 0.57 16.04
C THR A 188 3.45 0.52 17.26
N GLY A 189 4.06 0.41 18.42
CA GLY A 189 3.32 0.44 19.70
C GLY A 189 4.23 0.88 20.82
N PHE A 190 3.64 1.50 21.84
CA PHE A 190 4.39 2.00 23.01
C PHE A 190 3.42 2.07 24.18
N SER A 191 3.66 1.31 25.26
CA SER A 191 2.72 1.29 26.41
C SER A 191 2.96 2.49 27.32
N GLY A 192 4.12 3.13 27.20
CA GLY A 192 4.50 4.18 28.15
C GLY A 192 5.82 3.80 28.80
N VAL A 193 6.32 4.62 29.73
CA VAL A 193 7.68 4.37 30.29
C VAL A 193 7.70 3.48 31.54
N GLY A 194 6.57 3.20 32.19
CA GLY A 194 6.67 2.47 33.46
C GLY A 194 7.81 2.99 34.34
N THR A 195 8.67 2.10 34.84
CA THR A 195 9.81 2.46 35.74
C THR A 195 11.06 1.65 35.38
N GLU A 196 12.22 1.99 35.95
CA GLU A 196 13.45 1.21 35.70
C GLU A 196 13.20 -0.26 36.06
N SER A 197 12.41 -0.48 37.12
CA SER A 197 12.12 -1.84 37.69
C SER A 197 10.95 -2.53 36.96
N ASN A 198 9.96 -1.79 36.47
CA ASN A 198 8.81 -2.35 35.71
C ASN A 198 8.65 -1.50 34.46
N PRO A 199 9.54 -1.67 33.48
CA PRO A 199 9.52 -0.85 32.28
C PRO A 199 8.29 -1.09 31.41
N GLY A 200 8.03 -0.10 30.56
CA GLY A 200 6.96 -0.25 29.57
C GLY A 200 7.49 -1.08 28.42
N VAL A 201 6.68 -1.24 27.38
CA VAL A 201 7.11 -2.05 26.21
C VAL A 201 6.92 -1.23 24.94
N ALA A 202 7.81 -1.40 23.99
CA ALA A 202 7.66 -0.76 22.67
C ALA A 202 7.68 -1.87 21.62
N TRP A 203 6.86 -1.72 20.61
CA TRP A 203 6.70 -2.74 19.56
C TRP A 203 6.96 -2.19 18.15
N TRP A 204 7.32 -3.12 17.28
CA TRP A 204 7.26 -2.90 15.83
C TRP A 204 6.93 -4.27 15.23
N VAL A 205 5.77 -4.36 14.58
CA VAL A 205 5.34 -5.66 13.98
C VAL A 205 4.94 -5.41 12.53
N GLY A 206 5.06 -6.45 11.71
CA GLY A 206 4.65 -6.28 10.31
C GLY A 206 5.15 -7.40 9.44
N TRP A 207 5.14 -7.16 8.14
CA TRP A 207 5.65 -8.18 7.19
C TRP A 207 6.21 -7.46 5.96
N VAL A 208 7.04 -8.18 5.24
CA VAL A 208 7.70 -7.62 4.03
C VAL A 208 7.37 -8.56 2.87
N GLU A 209 6.74 -8.03 1.82
CA GLU A 209 6.45 -8.79 0.58
C GLU A 209 7.59 -8.46 -0.37
N LYS A 210 8.51 -9.41 -0.57
CA LYS A 210 9.74 -9.15 -1.40
C LYS A 210 9.77 -10.17 -2.52
N GLU A 211 9.60 -9.70 -3.76
CA GLU A 211 9.55 -10.57 -4.96
C GLU A 211 8.41 -11.58 -4.71
N THR A 212 8.71 -12.88 -4.73
CA THR A 212 7.66 -13.90 -4.48
C THR A 212 7.72 -14.36 -3.02
N GLU A 213 8.60 -13.75 -2.20
CA GLU A 213 8.74 -14.24 -0.80
C GLU A 213 8.07 -13.28 0.18
N VAL A 214 7.73 -13.80 1.37
CA VAL A 214 7.14 -12.96 2.46
C VAL A 214 7.90 -13.28 3.75
N TYR A 215 8.13 -12.24 4.54
CA TYR A 215 8.85 -12.31 5.84
C TYR A 215 7.97 -11.63 6.89
N PHE A 216 7.60 -12.37 7.94
CA PHE A 216 6.81 -11.80 9.05
C PHE A 216 7.76 -11.45 10.18
N PHE A 217 7.54 -10.31 10.82
CA PHE A 217 8.45 -9.94 11.93
C PHE A 217 7.65 -9.34 13.08
N ALA A 218 8.21 -9.47 14.27
CA ALA A 218 7.65 -8.86 15.49
C ALA A 218 8.81 -8.50 16.41
N PHE A 219 8.87 -7.24 16.81
CA PHE A 219 9.92 -6.79 17.72
C PHE A 219 9.28 -6.18 18.98
N ASN A 220 9.85 -6.48 20.16
CA ASN A 220 9.42 -5.72 21.37
C ASN A 220 10.66 -5.51 22.24
N MET A 221 10.60 -4.50 23.11
CA MET A 221 11.75 -4.18 23.97
C MET A 221 11.22 -3.50 25.22
N ASP A 222 11.96 -3.65 26.31
CA ASP A 222 11.69 -2.89 27.56
C ASP A 222 12.05 -1.44 27.25
N ILE A 223 11.26 -0.50 27.75
CA ILE A 223 11.56 0.94 27.53
C ILE A 223 11.12 1.71 28.77
N ASP A 224 12.02 2.53 29.30
CA ASP A 224 11.70 3.36 30.50
C ASP A 224 11.99 4.83 30.17
N ASN A 225 12.34 5.13 28.91
CA ASN A 225 12.62 6.53 28.50
C ASN A 225 12.20 6.71 27.04
N GLU A 226 11.36 7.72 26.79
CA GLU A 226 10.82 8.03 25.44
C GLU A 226 12.00 8.25 24.47
N SER A 227 13.17 8.66 24.97
CA SER A 227 14.34 8.90 24.08
C SER A 227 14.77 7.60 23.37
N LYS A 228 14.37 6.44 23.90
CA LYS A 228 14.79 5.13 23.32
C LYS A 228 13.82 4.67 22.23
N LEU A 229 12.71 5.39 22.00
CA LEU A 229 11.68 4.90 21.04
C LEU A 229 12.27 4.57 19.67
N PRO A 230 13.17 5.39 19.08
CA PRO A 230 13.70 5.09 17.75
C PRO A 230 14.27 3.68 17.57
N LEU A 231 14.80 3.11 18.66
CA LEU A 231 15.41 1.74 18.63
C LEU A 231 14.37 0.69 18.24
N ARG A 232 13.06 0.96 18.46
CA ARG A 232 12.02 -0.07 18.17
C ARG A 232 11.98 -0.32 16.65
N LYS A 233 12.39 0.66 15.86
CA LYS A 233 12.47 0.46 14.39
C LYS A 233 13.93 0.27 13.94
N SER A 234 14.89 0.94 14.57
CA SER A 234 16.28 0.85 14.05
C SER A 234 16.88 -0.55 14.27
N ILE A 235 16.60 -1.19 15.41
CA ILE A 235 17.21 -2.54 15.67
C ILE A 235 16.65 -3.55 14.66
N PRO A 236 15.31 -3.74 14.55
CA PRO A 236 14.78 -4.68 13.57
C PRO A 236 15.15 -4.27 12.13
N THR A 237 15.21 -2.96 11.87
CA THR A 237 15.57 -2.51 10.50
C THR A 237 17.00 -2.99 10.20
N LYS A 238 17.93 -2.80 11.13
CA LYS A 238 19.35 -3.21 10.88
C LYS A 238 19.45 -4.73 10.71
N ILE A 239 18.64 -5.49 11.44
CA ILE A 239 18.67 -6.98 11.33
C ILE A 239 18.13 -7.37 9.95
N MET A 240 17.01 -6.77 9.52
CA MET A 240 16.42 -7.16 8.22
C MET A 240 17.29 -6.64 7.07
N GLU A 241 18.02 -5.54 7.29
CA GLU A 241 18.94 -5.04 6.24
C GLU A 241 20.10 -6.03 6.10
N SER A 242 20.64 -6.51 7.22
CA SER A 242 21.77 -7.48 7.17
C SER A 242 21.30 -8.81 6.58
N GLU A 243 20.01 -9.13 6.71
CA GLU A 243 19.47 -10.40 6.13
C GLU A 243 19.17 -10.21 4.64
N GLY A 244 19.31 -8.98 4.12
CA GLY A 244 19.04 -8.67 2.70
C GLY A 244 17.56 -8.62 2.38
N ILE A 245 16.70 -8.40 3.39
CA ILE A 245 15.23 -8.38 3.21
C ILE A 245 14.79 -6.97 2.80
N ILE A 246 15.36 -5.94 3.41
CA ILE A 246 15.03 -4.52 3.06
C ILE A 246 16.35 -3.75 2.87
N GLY A 247 16.29 -2.56 2.24
CA GLY A 247 17.48 -1.73 2.01
C GLY A 247 18.18 -2.07 0.71
N SER B 1 -20.47 19.28 -9.81
CA SER B 1 -20.16 19.23 -11.28
C SER B 1 -18.63 19.27 -11.51
N ASN B 2 -18.14 18.35 -12.32
CA ASN B 2 -16.69 18.25 -12.65
C ASN B 2 -16.26 19.52 -13.38
N SER B 3 -15.04 19.99 -13.11
CA SER B 3 -14.57 21.21 -13.83
C SER B 3 -13.09 21.05 -14.17
N ILE B 4 -12.62 21.83 -15.14
CA ILE B 4 -11.19 21.82 -15.49
C ILE B 4 -10.78 23.25 -15.79
N THR B 5 -9.56 23.60 -15.41
CA THR B 5 -9.03 24.96 -15.63
C THR B 5 -7.62 24.83 -16.20
N GLU B 6 -7.20 25.80 -16.99
CA GLU B 6 -5.84 25.77 -17.55
C GLU B 6 -4.97 26.68 -16.68
N ASN B 7 -3.81 26.18 -16.26
CA ASN B 7 -2.85 26.92 -15.41
C ASN B 7 -1.64 27.34 -16.26
N THR B 8 -0.83 28.29 -15.79
CA THR B 8 0.44 28.64 -16.48
C THR B 8 1.61 28.43 -15.51
N SER B 9 1.31 28.43 -14.20
CA SER B 9 2.36 28.32 -13.14
C SER B 9 3.12 26.98 -13.22
N TRP B 10 2.69 26.04 -14.08
CA TRP B 10 3.44 24.76 -14.21
C TRP B 10 4.28 24.75 -15.50
N ASN B 11 4.09 25.75 -16.37
CA ASN B 11 4.81 25.78 -17.67
C ASN B 11 6.34 25.80 -17.44
N LYS B 12 6.81 26.52 -16.41
CA LYS B 12 8.27 26.65 -16.13
C LYS B 12 8.91 25.28 -15.89
N GLU B 13 8.15 24.30 -15.40
CA GLU B 13 8.68 22.94 -15.09
C GLU B 13 8.89 22.16 -16.40
N PHE B 14 8.12 22.49 -17.44
CA PHE B 14 8.23 21.83 -18.77
C PHE B 14 9.32 22.49 -19.62
N SER B 15 9.24 23.82 -19.75
CA SER B 15 10.17 24.59 -20.62
C SER B 15 11.62 24.51 -20.09
N ALA B 16 11.80 24.36 -18.77
CA ALA B 16 13.15 24.27 -18.16
C ALA B 16 13.87 23.01 -18.66
N GLU B 17 13.13 21.95 -18.99
CA GLU B 17 13.70 20.66 -19.47
C GLU B 17 13.43 20.50 -20.97
N ALA B 18 12.91 21.55 -21.62
CA ALA B 18 12.54 21.51 -23.06
C ALA B 18 11.59 20.34 -23.33
N VAL B 19 10.54 20.18 -22.53
CA VAL B 19 9.60 19.03 -22.69
C VAL B 19 8.25 19.50 -23.24
N ASN B 20 7.73 18.77 -24.22
CA ASN B 20 6.35 18.96 -24.76
C ASN B 20 5.48 17.93 -24.03
N GLY B 21 4.65 18.37 -23.10
CA GLY B 21 3.85 17.38 -22.36
C GLY B 21 2.70 18.03 -21.64
N VAL B 22 1.97 17.22 -20.89
CA VAL B 22 0.79 17.73 -20.15
C VAL B 22 0.75 17.07 -18.78
N PHE B 23 0.29 17.84 -17.81
CA PHE B 23 -0.01 17.30 -16.46
C PHE B 23 -1.46 17.66 -16.17
N VAL B 24 -2.20 16.68 -15.66
CA VAL B 24 -3.59 16.88 -15.20
C VAL B 24 -3.62 16.50 -13.72
N LEU B 25 -4.10 17.41 -12.88
CA LEU B 25 -4.18 17.16 -11.42
C LEU B 25 -5.60 17.49 -10.95
N CYS B 26 -6.27 16.51 -10.35
CA CYS B 26 -7.68 16.70 -9.89
C CYS B 26 -7.76 16.51 -8.37
N LYS B 27 -8.43 17.44 -7.69
CA LYS B 27 -8.68 17.36 -6.24
C LYS B 27 -10.07 16.75 -6.10
N SER B 28 -10.15 15.58 -5.46
CA SER B 28 -11.41 14.80 -5.36
C SER B 28 -12.52 15.60 -4.69
N SER B 29 -12.24 16.22 -3.53
CA SER B 29 -13.28 16.91 -2.72
C SER B 29 -13.99 18.02 -3.53
N SER B 30 -13.24 18.78 -4.34
CA SER B 30 -13.82 19.92 -5.10
C SER B 30 -14.23 19.52 -6.54
N LYS B 31 -13.96 18.28 -6.96
CA LYS B 31 -14.28 17.81 -8.33
C LYS B 31 -13.69 18.81 -9.35
N SER B 32 -12.51 19.33 -9.04
CA SER B 32 -11.80 20.36 -9.84
C SER B 32 -10.48 19.82 -10.38
N CYS B 33 -10.26 19.93 -11.69
CA CYS B 33 -8.97 19.51 -12.31
C CYS B 33 -8.25 20.76 -12.84
N ALA B 34 -6.92 20.71 -12.83
CA ALA B 34 -6.08 21.78 -13.41
C ALA B 34 -5.07 21.13 -14.35
N THR B 35 -4.72 21.83 -15.43
CA THR B 35 -3.75 21.30 -16.42
C THR B 35 -2.98 22.47 -17.02
N ASN B 36 -1.77 22.23 -17.52
CA ASN B 36 -0.97 23.27 -18.21
C ASN B 36 -1.44 23.39 -19.66
N ASP B 37 -2.24 22.43 -20.17
CA ASP B 37 -2.58 22.43 -21.63
C ASP B 37 -3.88 21.65 -21.85
N LEU B 38 -5.01 22.37 -22.00
CA LEU B 38 -6.34 21.71 -22.18
C LEU B 38 -6.36 20.86 -23.46
N ALA B 39 -5.76 21.33 -24.55
CA ALA B 39 -5.80 20.55 -25.80
C ALA B 39 -5.04 19.23 -25.61
N ARG B 40 -3.81 19.28 -25.10
CA ARG B 40 -3.04 18.01 -24.95
C ARG B 40 -3.67 17.15 -23.85
N ALA B 41 -4.33 17.75 -22.85
CA ALA B 41 -4.97 16.94 -21.80
C ALA B 41 -6.07 16.05 -22.41
N SER B 42 -6.70 16.50 -23.50
CA SER B 42 -7.80 15.74 -24.15
C SER B 42 -7.24 14.87 -25.30
N LYS B 43 -5.95 15.02 -25.62
CA LYS B 43 -5.43 14.22 -26.75
C LYS B 43 -5.19 12.77 -26.32
N GLU B 44 -5.60 11.83 -27.17
CA GLU B 44 -5.48 10.37 -26.87
C GLU B 44 -4.14 9.83 -27.38
N TYR B 45 -3.41 9.15 -26.50
CA TYR B 45 -2.10 8.54 -26.82
C TYR B 45 -2.10 7.06 -26.43
N LEU B 46 -1.23 6.27 -27.06
CA LEU B 46 -1.02 4.85 -26.67
C LEU B 46 -0.82 4.80 -25.16
N PRO B 47 -1.55 3.96 -24.40
CA PRO B 47 -1.37 3.88 -22.95
C PRO B 47 -0.09 3.13 -22.53
N ALA B 48 0.44 2.30 -23.44
CA ALA B 48 1.62 1.45 -23.15
C ALA B 48 1.40 0.73 -21.81
N SER B 49 2.38 0.75 -20.90
CA SER B 49 2.30 -0.04 -19.64
C SER B 49 1.22 0.48 -18.68
N THR B 50 0.67 1.68 -18.90
CA THR B 50 -0.44 2.11 -18.00
C THR B 50 -1.64 1.20 -18.26
N PHE B 51 -1.64 0.48 -19.39
CA PHE B 51 -2.77 -0.42 -19.71
C PHE B 51 -2.77 -1.62 -18.76
N KCX B 52 -1.66 -1.81 -18.05
CA KCX B 52 -1.58 -2.91 -17.11
CB KCX B 52 -0.14 -3.09 -16.63
CG KCX B 52 0.79 -3.59 -17.71
CD KCX B 52 2.19 -3.81 -17.25
CE KCX B 52 3.01 -4.50 -18.31
NZ KCX B 52 3.26 -3.65 -19.47
C KCX B 52 -2.54 -2.72 -15.94
O KCX B 52 -2.86 -3.71 -15.29
CX KCX B 52 2.61 -3.80 -20.63
OQ1 KCX B 52 1.67 -4.75 -20.63
OQ2 KCX B 52 2.84 -3.12 -21.61
N ILE B 53 -3.05 -1.51 -15.70
CA ILE B 53 -4.00 -1.32 -14.62
C ILE B 53 -5.32 -2.00 -15.00
N PRO B 54 -6.01 -1.62 -16.09
CA PRO B 54 -7.24 -2.32 -16.49
C PRO B 54 -6.98 -3.79 -16.79
N ASN B 55 -5.83 -4.11 -17.40
CA ASN B 55 -5.51 -5.51 -17.73
C ASN B 55 -5.50 -6.35 -16.45
N ALA B 56 -4.87 -5.85 -15.38
CA ALA B 56 -4.86 -6.59 -14.08
C ALA B 56 -6.29 -6.77 -13.56
N ILE B 57 -7.10 -5.70 -13.57
CA ILE B 57 -8.49 -5.78 -13.05
C ILE B 57 -9.28 -6.83 -13.87
N ILE B 58 -9.14 -6.79 -15.20
CA ILE B 58 -9.90 -7.71 -16.08
C ILE B 58 -9.39 -9.15 -15.84
N GLY B 59 -8.08 -9.30 -15.66
CA GLY B 59 -7.52 -10.63 -15.38
C GLY B 59 -8.10 -11.20 -14.10
N LEU B 60 -8.25 -10.36 -13.07
CA LEU B 60 -8.80 -10.85 -11.77
C LEU B 60 -10.31 -11.10 -11.93
N GLU B 61 -11.02 -10.18 -12.59
CA GLU B 61 -12.49 -10.30 -12.70
C GLU B 61 -12.86 -11.54 -13.51
N THR B 62 -12.06 -11.88 -14.52
CA THR B 62 -12.34 -13.08 -15.37
C THR B 62 -11.83 -14.36 -14.72
N GLY B 63 -11.03 -14.25 -13.65
CA GLY B 63 -10.48 -15.46 -13.00
C GLY B 63 -9.20 -15.94 -13.67
N VAL B 64 -8.75 -15.29 -14.74
CA VAL B 64 -7.45 -15.64 -15.38
C VAL B 64 -6.36 -15.51 -14.31
N ILE B 65 -6.40 -14.42 -13.53
CA ILE B 65 -5.54 -14.20 -12.33
C ILE B 65 -6.36 -14.73 -11.16
N LYS B 66 -5.88 -15.79 -10.48
CA LYS B 66 -6.72 -16.46 -9.44
C LYS B 66 -6.89 -15.59 -8.20
N ASN B 67 -5.85 -14.88 -7.76
CA ASN B 67 -5.95 -14.03 -6.55
C ASN B 67 -4.68 -13.18 -6.41
N GLU B 68 -4.61 -12.39 -5.34
CA GLU B 68 -3.49 -11.43 -5.08
C GLU B 68 -2.17 -12.18 -4.89
N HIS B 69 -2.20 -13.45 -4.49
CA HIS B 69 -0.95 -14.22 -4.24
C HIS B 69 -0.53 -15.02 -5.49
N GLN B 70 -1.28 -14.90 -6.59
CA GLN B 70 -0.93 -15.57 -7.88
C GLN B 70 0.55 -15.35 -8.21
N VAL B 71 1.28 -16.42 -8.48
CA VAL B 71 2.69 -16.28 -8.95
C VAL B 71 2.71 -16.57 -10.46
N PHE B 72 3.29 -15.67 -11.24
CA PHE B 72 3.44 -15.84 -12.72
C PHE B 72 4.83 -16.45 -12.93
N LYS B 73 4.89 -17.75 -13.17
CA LYS B 73 6.17 -18.48 -13.27
C LYS B 73 6.90 -18.16 -14.59
N TRP B 74 8.22 -17.98 -14.51
CA TRP B 74 9.05 -17.78 -15.72
C TRP B 74 9.44 -19.17 -16.24
N ASP B 75 9.17 -19.46 -17.52
CA ASP B 75 9.42 -20.82 -18.10
C ASP B 75 10.90 -20.99 -18.50
N GLY B 76 11.76 -20.00 -18.20
CA GLY B 76 13.20 -20.10 -18.52
C GLY B 76 13.53 -19.68 -19.94
N LYS B 77 12.53 -19.35 -20.76
CA LYS B 77 12.76 -18.89 -22.16
C LYS B 77 13.23 -17.44 -22.14
N PRO B 78 14.23 -17.05 -22.97
CA PRO B 78 14.68 -15.65 -23.01
C PRO B 78 13.54 -14.63 -23.13
N ARG B 79 13.59 -13.55 -22.33
CA ARG B 79 12.58 -12.45 -22.36
C ARG B 79 13.30 -11.15 -22.77
N ALA B 80 12.55 -10.13 -23.21
CA ALA B 80 13.12 -8.88 -23.75
C ALA B 80 13.94 -8.13 -22.69
N MET B 81 13.61 -8.31 -21.41
CA MET B 81 14.38 -7.60 -20.34
C MET B 81 14.82 -8.59 -19.25
N LYS B 82 16.06 -8.42 -18.79
CA LYS B 82 16.68 -9.19 -17.68
C LYS B 82 15.74 -9.22 -16.47
N GLN B 83 15.12 -8.08 -16.15
CA GLN B 83 14.21 -7.89 -14.98
C GLN B 83 12.98 -8.81 -15.04
N TRP B 84 12.60 -9.27 -16.24
CA TRP B 84 11.38 -10.11 -16.40
C TRP B 84 11.69 -11.61 -16.31
N GLU B 85 12.98 -11.97 -16.31
CA GLU B 85 13.37 -13.42 -16.28
C GLU B 85 13.38 -13.93 -14.85
N ARG B 86 12.19 -14.10 -14.28
CA ARG B 86 12.02 -14.60 -12.90
C ARG B 86 10.52 -14.73 -12.60
N ASP B 87 10.20 -15.49 -11.56
CA ASP B 87 8.79 -15.61 -11.08
C ASP B 87 8.36 -14.24 -10.57
N LEU B 88 7.15 -13.81 -10.92
CA LEU B 88 6.66 -12.46 -10.48
C LEU B 88 5.32 -12.59 -9.78
N THR B 89 5.09 -11.76 -8.75
CA THR B 89 3.74 -11.65 -8.13
C THR B 89 2.99 -10.60 -8.96
N LEU B 90 1.71 -10.36 -8.68
CA LEU B 90 0.99 -9.32 -9.46
C LEU B 90 1.71 -7.99 -9.29
N ARG B 91 2.08 -7.63 -8.06
CA ARG B 91 2.78 -6.34 -7.82
C ARG B 91 4.14 -6.35 -8.54
N GLY B 92 4.84 -7.49 -8.50
CA GLY B 92 6.14 -7.57 -9.17
C GLY B 92 6.00 -7.34 -10.66
N ALA B 93 5.00 -7.99 -11.28
CA ALA B 93 4.76 -7.87 -12.74
C ALA B 93 4.38 -6.43 -13.10
N ILE B 94 3.59 -5.78 -12.25
CA ILE B 94 3.17 -4.38 -12.50
C ILE B 94 4.39 -3.46 -12.34
N GLN B 95 5.15 -3.62 -11.25
CA GLN B 95 6.31 -2.75 -10.93
C GLN B 95 7.34 -2.72 -12.07
N VAL B 96 7.64 -3.87 -12.69
CA VAL B 96 8.68 -3.89 -13.77
C VAL B 96 8.01 -3.88 -15.14
N SER B 97 6.68 -3.66 -15.21
CA SER B 97 5.97 -3.61 -16.51
C SER B 97 6.30 -4.85 -17.36
N ALA B 98 6.14 -6.06 -16.78
CA ALA B 98 6.42 -7.33 -17.48
C ALA B 98 5.41 -7.58 -18.61
N VAL B 99 5.71 -7.06 -19.80
CA VAL B 99 4.86 -7.21 -21.03
C VAL B 99 4.43 -8.66 -21.26
N PRO B 100 5.34 -9.67 -21.27
CA PRO B 100 4.93 -11.05 -21.54
C PRO B 100 3.88 -11.60 -20.56
N VAL B 101 3.99 -11.22 -19.28
CA VAL B 101 2.99 -11.67 -18.27
C VAL B 101 1.61 -11.14 -18.70
N PHE B 102 1.54 -9.86 -19.06
CA PHE B 102 0.24 -9.23 -19.42
C PHE B 102 -0.20 -9.70 -20.81
N GLN B 103 0.73 -9.99 -21.69
CA GLN B 103 0.32 -10.54 -23.02
C GLN B 103 -0.45 -11.84 -22.77
N GLN B 104 0.10 -12.73 -21.94
CA GLN B 104 -0.54 -14.04 -21.62
C GLN B 104 -1.91 -13.79 -20.96
N ILE B 105 -1.98 -12.84 -20.02
CA ILE B 105 -3.29 -12.52 -19.37
C ILE B 105 -4.30 -12.10 -20.44
N ALA B 106 -3.91 -11.19 -21.33
CA ALA B 106 -4.83 -10.68 -22.38
C ALA B 106 -5.30 -11.83 -23.28
N ARG B 107 -4.40 -12.77 -23.60
CA ARG B 107 -4.75 -13.92 -24.48
C ARG B 107 -5.86 -14.77 -23.83
N GLU B 108 -5.72 -15.08 -22.53
CA GLU B 108 -6.72 -15.90 -21.81
C GLU B 108 -8.02 -15.11 -21.65
N VAL B 109 -7.92 -13.79 -21.46
CA VAL B 109 -9.14 -12.95 -21.35
C VAL B 109 -9.90 -13.06 -22.69
N GLY B 110 -9.19 -12.91 -23.80
CA GLY B 110 -9.82 -12.99 -25.13
C GLY B 110 -10.37 -11.64 -25.57
N GLU B 111 -10.55 -11.46 -26.88
CA GLU B 111 -11.00 -10.17 -27.46
C GLU B 111 -12.42 -9.81 -27.02
N VAL B 112 -13.36 -10.77 -27.02
CA VAL B 112 -14.78 -10.47 -26.68
C VAL B 112 -14.86 -9.89 -25.25
N ARG B 113 -14.24 -10.55 -24.26
CA ARG B 113 -14.32 -10.06 -22.86
C ARG B 113 -13.51 -8.78 -22.68
N MET B 114 -12.31 -8.71 -23.28
CA MET B 114 -11.48 -7.48 -23.18
C MET B 114 -12.31 -6.27 -23.68
N GLN B 115 -12.99 -6.44 -24.82
CA GLN B 115 -13.80 -5.36 -25.43
C GLN B 115 -14.95 -4.99 -24.48
N LYS B 116 -15.59 -6.00 -23.89
CA LYS B 116 -16.72 -5.74 -22.96
C LYS B 116 -16.25 -4.86 -21.79
N TYR B 117 -15.15 -5.24 -21.14
CA TYR B 117 -14.61 -4.51 -19.95
C TYR B 117 -14.12 -3.10 -20.33
N LEU B 118 -13.40 -2.93 -21.44
CA LEU B 118 -12.93 -1.57 -21.81
C LEU B 118 -14.14 -0.66 -22.08
N LYS B 119 -15.25 -1.21 -22.55
CA LYS B 119 -16.48 -0.41 -22.75
C LYS B 119 -17.07 -0.07 -21.38
N LYS B 120 -17.19 -1.07 -20.50
CA LYS B 120 -17.74 -0.84 -19.13
C LYS B 120 -16.86 0.18 -18.42
N PHE B 121 -15.55 0.11 -18.64
CA PHE B 121 -14.60 1.04 -17.96
C PHE B 121 -14.52 2.40 -18.67
N SER B 122 -15.15 2.56 -19.85
CA SER B 122 -15.00 3.81 -20.65
C SER B 122 -13.52 4.12 -20.82
N TYR B 123 -12.73 3.11 -21.23
CA TYR B 123 -11.25 3.27 -21.30
C TYR B 123 -10.80 3.67 -22.71
N GLY B 124 -10.50 4.96 -22.90
CA GLY B 124 -9.96 5.51 -24.15
C GLY B 124 -10.89 5.31 -25.35
N ASN B 125 -10.30 5.13 -26.54
CA ASN B 125 -11.06 4.96 -27.81
C ASN B 125 -11.56 3.52 -27.94
N GLN B 126 -11.26 2.69 -26.91
CA GLN B 126 -11.72 1.27 -26.84
C GLN B 126 -11.38 0.50 -28.12
N ASN B 127 -10.30 0.90 -28.81
CA ASN B 127 -9.88 0.23 -30.07
C ASN B 127 -8.78 -0.78 -29.76
N ILE B 128 -9.11 -2.08 -29.77
CA ILE B 128 -8.14 -3.17 -29.43
C ILE B 128 -7.72 -3.94 -30.70
N SER B 129 -7.79 -3.29 -31.87
CA SER B 129 -7.41 -3.96 -33.16
C SER B 129 -5.89 -4.07 -33.29
N GLY B 130 -5.43 -4.97 -34.19
CA GLY B 130 -3.98 -5.16 -34.45
C GLY B 130 -3.40 -6.40 -33.78
N GLY B 131 -4.19 -7.07 -32.92
CA GLY B 131 -3.72 -8.27 -32.18
C GLY B 131 -4.11 -8.18 -30.72
N ILE B 132 -4.58 -9.30 -30.14
CA ILE B 132 -5.07 -9.32 -28.73
C ILE B 132 -3.94 -9.07 -27.72
N ASP B 133 -2.67 -9.27 -28.08
CA ASP B 133 -1.58 -9.11 -27.09
C ASP B 133 -0.63 -7.95 -27.44
N LYS B 134 -1.02 -7.01 -28.31
CA LYS B 134 -0.10 -5.87 -28.64
C LYS B 134 -0.90 -4.60 -28.98
N PHE B 135 -2.22 -4.63 -28.83
CA PHE B 135 -3.08 -3.48 -29.21
C PHE B 135 -2.86 -2.27 -28.28
N TRP B 136 -2.13 -2.43 -27.16
CA TRP B 136 -1.94 -1.31 -26.19
C TRP B 136 -0.50 -0.78 -26.23
N LEU B 137 0.45 -1.66 -26.61
CA LEU B 137 1.90 -1.32 -26.70
C LEU B 137 2.11 -0.40 -27.91
N GLU B 138 1.90 -0.92 -29.12
CA GLU B 138 2.02 -0.17 -30.40
C GLU B 138 0.84 -0.56 -31.32
N ASP B 139 -0.38 -0.43 -30.82
CA ASP B 139 -1.60 -0.76 -31.58
C ASP B 139 -2.45 0.47 -31.87
N GLN B 140 -3.76 0.32 -31.74
CA GLN B 140 -4.73 1.39 -32.07
C GLN B 140 -5.39 1.94 -30.79
N LEU B 141 -5.18 1.28 -29.65
CA LEU B 141 -5.78 1.77 -28.37
C LEU B 141 -5.12 3.10 -27.98
N ARG B 142 -5.95 4.12 -27.74
CA ARG B 142 -5.49 5.47 -27.36
C ARG B 142 -6.32 5.95 -26.17
N ILE B 143 -5.73 6.72 -25.26
CA ILE B 143 -6.47 7.27 -24.09
C ILE B 143 -5.87 8.62 -23.75
N SER B 144 -6.70 9.56 -23.28
CA SER B 144 -6.21 10.91 -22.90
C SER B 144 -5.85 10.96 -21.41
N ALA B 145 -5.15 12.03 -21.02
CA ALA B 145 -4.82 12.25 -19.60
C ALA B 145 -6.10 12.47 -18.81
N VAL B 146 -7.08 13.18 -19.39
CA VAL B 146 -8.36 13.42 -18.67
C VAL B 146 -9.07 12.06 -18.48
N ASN B 147 -9.05 11.19 -19.50
CA ASN B 147 -9.72 9.87 -19.39
C ASN B 147 -8.99 9.04 -18.31
N GLN B 148 -7.66 9.16 -18.22
CA GLN B 148 -6.88 8.38 -17.21
C GLN B 148 -7.31 8.79 -15.80
N VAL B 149 -7.43 10.09 -15.54
CA VAL B 149 -7.80 10.50 -14.15
C VAL B 149 -9.26 10.12 -13.84
N GLU B 150 -10.15 10.14 -14.84
CA GLU B 150 -11.56 9.72 -14.63
C GLU B 150 -11.57 8.23 -14.26
N PHE B 151 -10.80 7.42 -15.01
CA PHE B 151 -10.69 5.96 -14.79
C PHE B 151 -10.11 5.66 -13.40
N LEU B 152 -9.02 6.35 -13.03
CA LEU B 152 -8.38 6.11 -11.71
C LEU B 152 -9.30 6.55 -10.56
N GLU B 153 -10.08 7.62 -10.74
CA GLU B 153 -11.05 8.01 -9.68
C GLU B 153 -12.08 6.89 -9.51
N SER B 154 -12.59 6.33 -10.61
CA SER B 154 -13.53 5.18 -10.53
C SER B 154 -12.87 4.02 -9.76
N LEU B 155 -11.61 3.70 -10.06
CA LEU B 155 -10.87 2.60 -9.38
C LEU B 155 -10.77 2.91 -7.88
N TYR B 156 -10.35 4.12 -7.56
CA TYR B 156 -10.22 4.56 -6.15
C TYR B 156 -11.56 4.35 -5.41
N LEU B 157 -12.69 4.73 -6.02
CA LEU B 157 -14.02 4.61 -5.36
C LEU B 157 -14.59 3.19 -5.50
N ASN B 158 -13.86 2.28 -6.15
CA ASN B 158 -14.33 0.89 -6.38
C ASN B 158 -15.61 0.94 -7.24
N LYS B 159 -15.70 1.93 -8.15
CA LYS B 159 -16.91 2.12 -8.99
C LYS B 159 -16.76 1.46 -10.37
N LEU B 160 -15.62 0.83 -10.67
CA LEU B 160 -15.52 0.10 -11.95
C LEU B 160 -16.41 -1.14 -11.87
N SER B 161 -16.79 -1.67 -13.04
CA SER B 161 -17.64 -2.89 -13.14
C SER B 161 -16.79 -4.12 -12.83
N ALA B 162 -16.37 -4.24 -11.57
CA ALA B 162 -15.55 -5.36 -11.08
C ALA B 162 -15.79 -5.50 -9.57
N SER B 163 -15.46 -6.64 -8.98
CA SER B 163 -15.68 -6.81 -7.53
C SER B 163 -14.84 -5.79 -6.75
N LYS B 164 -15.32 -5.38 -5.58
CA LYS B 164 -14.53 -4.46 -4.71
C LYS B 164 -13.21 -5.16 -4.37
N GLU B 165 -13.26 -6.46 -4.12
CA GLU B 165 -12.05 -7.25 -3.78
C GLU B 165 -10.99 -7.09 -4.89
N ASN B 166 -11.41 -7.19 -6.15
CA ASN B 166 -10.44 -7.13 -7.28
C ASN B 166 -9.90 -5.71 -7.44
N GLN B 167 -10.73 -4.70 -7.18
CA GLN B 167 -10.24 -3.30 -7.28
C GLN B 167 -9.27 -3.03 -6.11
N LEU B 168 -9.57 -3.57 -4.94
CA LEU B 168 -8.66 -3.40 -3.77
C LEU B 168 -7.32 -4.10 -4.03
N ILE B 169 -7.36 -5.27 -4.64
CA ILE B 169 -6.09 -6.01 -4.94
C ILE B 169 -5.21 -5.14 -5.86
N VAL B 170 -5.80 -4.55 -6.90
CA VAL B 170 -4.99 -3.74 -7.86
C VAL B 170 -4.53 -2.45 -7.19
N LYS B 171 -5.39 -1.83 -6.36
CA LYS B 171 -5.00 -0.57 -5.68
C LYS B 171 -3.76 -0.85 -4.82
N GLU B 172 -3.72 -1.96 -4.08
CA GLU B 172 -2.53 -2.19 -3.22
C GLU B 172 -1.30 -2.48 -4.09
N ALA B 173 -1.49 -3.20 -5.20
CA ALA B 173 -0.35 -3.53 -6.10
C ALA B 173 0.22 -2.25 -6.73
N LEU B 174 -0.55 -1.15 -6.76
CA LEU B 174 -0.06 0.10 -7.41
C LEU B 174 0.63 1.03 -6.40
N VAL B 175 0.73 0.65 -5.13
CA VAL B 175 1.41 1.57 -4.16
C VAL B 175 2.88 1.68 -4.56
N THR B 176 3.39 2.91 -4.69
CA THR B 176 4.81 3.13 -5.09
C THR B 176 5.56 4.00 -4.07
N GLU B 177 4.86 4.74 -3.21
CA GLU B 177 5.58 5.50 -2.17
C GLU B 177 4.66 5.60 -0.95
N ALA B 178 5.22 5.37 0.23
CA ALA B 178 4.45 5.47 1.48
C ALA B 178 5.15 6.42 2.44
N ALA B 179 4.35 7.27 3.07
CA ALA B 179 4.83 8.19 4.12
C ALA B 179 3.71 8.28 5.16
N PRO B 180 3.99 8.72 6.41
CA PRO B 180 2.96 8.78 7.43
C PRO B 180 1.73 9.58 6.99
N GLU B 181 1.94 10.65 6.21
CA GLU B 181 0.82 11.55 5.82
C GLU B 181 0.25 11.22 4.44
N TYR B 182 0.93 10.41 3.64
CA TYR B 182 0.36 10.18 2.29
C TYR B 182 0.81 8.86 1.70
N LEU B 183 0.00 8.36 0.78
CA LEU B 183 0.24 7.13 0.03
C LEU B 183 0.13 7.47 -1.47
N VAL B 184 1.15 7.13 -2.25
CA VAL B 184 1.13 7.33 -3.73
C VAL B 184 0.89 5.98 -4.39
N HIS B 185 -0.12 5.93 -5.26
CA HIS B 185 -0.37 4.78 -6.17
C HIS B 185 -0.07 5.30 -7.56
N SER B 186 0.74 4.58 -8.34
CA SER B 186 1.11 5.15 -9.65
C SER B 186 1.53 4.02 -10.60
N LYS B 187 1.62 4.38 -11.88
CA LYS B 187 2.03 3.41 -12.92
C LYS B 187 2.69 4.20 -14.05
N THR B 188 3.85 3.73 -14.51
CA THR B 188 4.59 4.37 -15.62
C THR B 188 4.23 3.69 -16.94
N GLY B 189 4.50 4.39 -18.03
CA GLY B 189 4.31 3.85 -19.39
C GLY B 189 5.28 4.51 -20.34
N PHE B 190 5.75 3.74 -21.32
CA PHE B 190 6.69 4.24 -22.35
C PHE B 190 6.49 3.40 -23.62
N SER B 191 6.03 4.05 -24.69
CA SER B 191 5.73 3.37 -25.98
C SER B 191 7.02 3.12 -26.76
N GLY B 192 8.02 3.97 -26.56
CA GLY B 192 9.28 3.87 -27.34
C GLY B 192 9.72 5.25 -27.79
N VAL B 193 10.87 5.35 -28.47
CA VAL B 193 11.45 6.67 -28.87
C VAL B 193 10.80 7.22 -30.17
N GLY B 194 10.05 6.41 -30.92
CA GLY B 194 9.46 6.91 -32.18
C GLY B 194 10.50 7.61 -33.05
N THR B 195 10.11 8.72 -33.70
CA THR B 195 11.04 9.52 -34.56
C THR B 195 11.08 10.97 -34.06
N GLU B 196 11.85 11.82 -34.74
CA GLU B 196 11.99 13.26 -34.36
C GLU B 196 10.69 14.00 -34.73
N SER B 197 10.01 13.56 -35.79
CA SER B 197 8.74 14.17 -36.27
C SER B 197 7.53 13.49 -35.60
N ASN B 198 7.70 12.23 -35.18
CA ASN B 198 6.62 11.44 -34.51
C ASN B 198 7.23 10.77 -33.27
N PRO B 199 7.51 11.53 -32.20
CA PRO B 199 8.15 10.96 -31.02
C PRO B 199 7.20 10.00 -30.28
N GLY B 200 7.76 9.09 -29.49
CA GLY B 200 6.93 8.18 -28.67
C GLY B 200 6.31 8.93 -27.51
N VAL B 201 5.61 8.21 -26.63
CA VAL B 201 4.96 8.88 -25.46
C VAL B 201 5.42 8.19 -24.17
N ALA B 202 5.57 8.97 -23.11
CA ALA B 202 5.93 8.46 -21.77
C ALA B 202 4.83 8.94 -20.83
N TRP B 203 4.37 8.03 -19.97
CA TRP B 203 3.29 8.34 -19.00
C TRP B 203 3.73 8.18 -17.56
N TRP B 204 3.03 8.88 -16.68
CA TRP B 204 3.05 8.60 -15.22
C TRP B 204 1.65 8.98 -14.75
N VAL B 205 0.89 7.98 -14.31
CA VAL B 205 -0.50 8.24 -13.83
C VAL B 205 -0.64 7.65 -12.43
N GLY B 206 -1.53 8.22 -11.64
CA GLY B 206 -1.78 7.64 -10.32
C GLY B 206 -2.63 8.55 -9.47
N TRP B 207 -2.50 8.39 -8.16
CA TRP B 207 -3.26 9.25 -7.22
C TRP B 207 -2.53 9.28 -5.89
N VAL B 208 -2.78 10.35 -5.14
CA VAL B 208 -2.13 10.57 -3.82
C VAL B 208 -3.24 10.71 -2.76
N GLU B 209 -3.18 9.86 -1.75
CA GLU B 209 -4.09 9.91 -0.59
C GLU B 209 -3.33 10.72 0.47
N LYS B 210 -3.67 12.00 0.62
CA LYS B 210 -2.96 12.94 1.53
C LYS B 210 -3.95 13.44 2.59
N GLU B 211 -3.74 13.06 3.85
CA GLU B 211 -4.69 13.43 4.92
C GLU B 211 -6.05 12.91 4.46
N THR B 212 -7.08 13.77 4.41
CA THR B 212 -8.41 13.28 3.97
C THR B 212 -8.68 13.69 2.51
N GLU B 213 -7.68 14.26 1.83
N GLU B 213 -7.66 14.24 1.83
CA GLU B 213 -7.89 14.65 0.41
CA GLU B 213 -7.80 14.68 0.42
C GLU B 213 -7.30 13.57 -0.50
C GLU B 213 -7.25 13.60 -0.51
N VAL B 214 -7.78 13.50 -1.72
CA VAL B 214 -7.24 12.54 -2.73
C VAL B 214 -6.98 13.35 -3.99
N TYR B 215 -5.81 13.15 -4.59
CA TYR B 215 -5.42 13.87 -5.82
C TYR B 215 -5.14 12.85 -6.91
N PHE B 216 -5.85 12.94 -8.03
CA PHE B 216 -5.67 12.06 -9.20
C PHE B 216 -4.77 12.81 -10.18
N PHE B 217 -3.80 12.12 -10.77
CA PHE B 217 -2.89 12.81 -11.71
C PHE B 217 -2.59 11.93 -12.91
N ALA B 218 -2.29 12.60 -14.01
CA ALA B 218 -1.90 11.92 -15.26
C ALA B 218 -0.95 12.86 -15.98
N PHE B 219 0.25 12.35 -16.27
CA PHE B 219 1.33 13.08 -16.96
C PHE B 219 1.68 12.29 -18.22
N ASN B 220 1.89 13.01 -19.33
CA ASN B 220 2.42 12.36 -20.55
C ASN B 220 3.33 13.38 -21.23
N MET B 221 4.30 12.89 -21.99
CA MET B 221 5.24 13.82 -22.68
C MET B 221 5.77 13.16 -23.95
N ASP B 222 6.18 13.99 -24.90
CA ASP B 222 6.83 13.46 -26.12
C ASP B 222 8.21 13.00 -25.69
N ILE B 223 8.66 11.85 -26.20
CA ILE B 223 10.01 11.34 -25.87
C ILE B 223 10.63 10.77 -27.15
N ASP B 224 11.84 11.23 -27.49
CA ASP B 224 12.57 10.75 -28.70
C ASP B 224 13.93 10.20 -28.25
N ASN B 225 14.24 10.33 -26.96
CA ASN B 225 15.53 9.83 -26.40
C ASN B 225 15.24 9.21 -25.03
N GLU B 226 15.73 7.98 -24.83
CA GLU B 226 15.49 7.20 -23.58
C GLU B 226 16.15 7.89 -22.37
N SER B 227 17.01 8.89 -22.60
CA SER B 227 17.68 9.62 -21.49
C SER B 227 16.70 10.62 -20.84
N LYS B 228 15.63 10.97 -21.56
CA LYS B 228 14.59 11.94 -21.11
C LYS B 228 13.62 11.27 -20.14
N LEU B 229 13.61 9.93 -20.15
CA LEU B 229 12.62 9.09 -19.41
C LEU B 229 12.48 9.49 -17.95
N PRO B 230 13.57 9.77 -17.18
CA PRO B 230 13.42 10.18 -15.79
C PRO B 230 12.52 11.42 -15.61
N LEU B 231 12.37 12.22 -16.66
CA LEU B 231 11.53 13.45 -16.58
C LEU B 231 10.05 13.09 -16.41
N ARG B 232 9.65 11.84 -16.75
CA ARG B 232 8.22 11.45 -16.65
C ARG B 232 7.80 11.48 -15.18
N LYS B 233 8.74 11.25 -14.26
CA LYS B 233 8.39 11.33 -12.81
C LYS B 233 8.88 12.65 -12.20
N SER B 234 10.03 13.18 -12.64
CA SER B 234 10.59 14.41 -12.00
C SER B 234 9.68 15.63 -12.24
N ILE B 235 9.09 15.77 -13.42
CA ILE B 235 8.25 16.97 -13.71
C ILE B 235 6.97 16.93 -12.88
N PRO B 236 6.16 15.86 -12.94
CA PRO B 236 4.95 15.80 -12.12
C PRO B 236 5.28 15.82 -10.62
N THR B 237 6.38 15.18 -10.21
CA THR B 237 6.81 15.20 -8.78
C THR B 237 7.08 16.65 -8.35
N LYS B 238 7.81 17.41 -9.17
CA LYS B 238 8.14 18.81 -8.81
C LYS B 238 6.84 19.62 -8.74
N ILE B 239 5.90 19.36 -9.64
CA ILE B 239 4.61 20.13 -9.61
C ILE B 239 3.84 19.77 -8.33
N MET B 240 3.75 18.47 -8.00
CA MET B 240 2.95 18.07 -6.80
C MET B 240 3.67 18.50 -5.52
N GLU B 241 5.00 18.61 -5.56
CA GLU B 241 5.76 19.12 -4.38
C GLU B 241 5.44 20.62 -4.24
N SER B 242 5.39 21.37 -5.33
CA SER B 242 5.09 22.82 -5.26
C SER B 242 3.64 23.02 -4.79
N GLU B 243 2.75 22.06 -5.06
CA GLU B 243 1.32 22.17 -4.63
C GLU B 243 1.19 21.73 -3.17
N GLY B 244 2.25 21.16 -2.58
CA GLY B 244 2.25 20.73 -1.16
C GLY B 244 1.63 19.35 -0.95
N ILE B 245 1.44 18.58 -2.03
CA ILE B 245 0.79 17.24 -1.96
C ILE B 245 1.77 16.18 -1.47
N ILE B 246 2.96 16.10 -2.06
CA ILE B 246 3.98 15.10 -1.63
C ILE B 246 5.26 15.84 -1.22
N GLY B 247 6.18 15.13 -0.55
CA GLY B 247 7.44 15.71 -0.06
C GLY B 247 7.25 16.36 1.30
CAG ISS C . 0.19 3.56 20.60
OAH ISS C . 0.89 2.63 20.98
CAI ISS C . 0.05 4.71 21.29
CAJ ISS C . 0.73 4.89 22.44
NAK ISS C . 0.66 6.03 23.09
CAL ISS C . 1.35 6.22 24.35
CAM ISS C . 0.65 5.49 25.49
OAN ISS C . -0.33 4.80 25.29
CAO ISS C . 1.21 5.68 26.86
CAP ISS C . 1.29 7.12 27.25
OAQ ISS C . 0.22 7.85 26.65
S SO4 D . 2.34 17.05 20.63
O1 SO4 D . 2.71 15.84 19.96
O2 SO4 D . 3.31 17.36 21.64
O3 SO4 D . 2.27 18.13 19.68
O4 SO4 D . 1.04 16.89 21.25
S SO4 E . -15.69 -13.19 2.20
O1 SO4 E . -14.36 -12.67 2.07
O2 SO4 E . -15.94 -13.58 3.57
O3 SO4 E . -15.85 -14.34 1.35
O4 SO4 E . -16.64 -12.18 1.83
S SO4 F . 2.50 -9.32 33.48
O1 SO4 F . 2.17 -10.09 34.65
O2 SO4 F . 3.88 -9.49 33.16
O3 SO4 F . 1.69 -9.77 32.37
O4 SO4 F . 2.22 -7.93 33.74
S SO4 G . -21.10 -14.57 14.43
O1 SO4 G . -20.15 -15.66 14.57
O2 SO4 G . -21.53 -14.15 15.73
O3 SO4 G . -22.24 -15.02 13.67
O4 SO4 G . -20.47 -13.47 13.76
S SO4 H . -7.68 -15.79 -0.98
O1 SO4 H . -6.71 -16.82 -1.15
O2 SO4 H . -8.54 -16.10 0.13
O3 SO4 H . -8.48 -15.67 -2.18
O4 SO4 H . -7.02 -14.54 -0.74
S SO4 I . 8.39 6.07 14.67
S SO4 I . 11.45 6.79 14.35
S SO4 I . 5.27 5.40 13.78
O1 SO4 I . 9.03 5.07 15.49
O1 SO4 I . 11.12 5.67 15.19
O1 SO4 I . 6.36 4.60 13.33
O2 SO4 I . 7.00 6.16 15.00
O2 SO4 I . 10.33 7.09 13.50
O2 SO4 I . 5.00 5.13 15.16
O3 SO4 I . 8.53 5.70 13.28
O3 SO4 I . 12.60 6.47 13.55
O3 SO4 I . 4.10 5.12 13.00
O4 SO4 I . 9.02 7.35 14.89
O4 SO4 I . 11.75 7.93 15.17
O4 SO4 I . 5.62 6.80 13.63
S SO4 J . 8.83 0.15 40.48
O1 SO4 J . 9.48 -0.76 41.39
O2 SO4 J . 7.64 0.67 41.09
O3 SO4 J . 8.48 -0.55 39.28
O4 SO4 J . 9.72 1.24 40.17
S SO4 K . 2.54 -28.43 13.37
O1 SO4 K . 1.52 -29.36 13.78
O2 SO4 K . 3.32 -28.06 14.52
O3 SO4 K . 3.38 -29.04 12.38
O4 SO4 K . 1.91 -27.25 12.82
S SO4 L . 11.68 4.32 -6.81
O1 SO4 L . 10.86 4.29 -5.63
O2 SO4 L . 12.87 3.52 -6.58
O3 SO4 L . 12.07 5.68 -7.10
O4 SO4 L . 10.95 3.78 -7.92
CL CL M . 2.78 3.87 18.28
CL CL M . 3.94 4.97 19.47
CAG ISS N . 5.26 -0.41 -20.99
OAH ISS N . 5.24 0.81 -20.89
CAI ISS N . 6.28 -1.13 -21.49
CAJ ISS N . 7.42 -0.60 -21.98
NAK ISS N . 8.36 -1.41 -22.49
CAL ISS N . 9.58 -0.91 -23.08
CAM ISS N . 9.32 -0.14 -24.36
OAN ISS N . 8.19 0.00 -24.79
CAO ISS N . 10.52 0.43 -25.06
CAP ISS N . 10.98 -0.40 -26.22
OAQ ISS N . 12.37 -0.22 -26.45
S SO4 O . -18.90 -6.51 -4.95
O1 SO4 O . -19.03 -7.89 -5.33
O2 SO4 O . -17.54 -6.25 -4.56
O3 SO4 O . -19.24 -5.67 -6.07
O4 SO4 O . -19.78 -6.22 -3.85
S SO4 P . -12.20 -14.51 -28.23
O1 SO4 P . -13.38 -15.30 -28.40
O2 SO4 P . -11.14 -15.34 -27.70
O3 SO4 P . -11.78 -13.96 -29.50
O4 SO4 P . -12.46 -13.44 -27.31
S SO4 Q . -16.77 -13.10 -17.73
O1 SO4 Q . -15.71 -14.06 -17.76
O2 SO4 Q . -17.37 -13.10 -16.43
O3 SO4 Q . -17.76 -13.46 -18.72
O4 SO4 Q . -16.25 -11.80 -18.03
S SO4 R . 0.83 17.50 -29.48
O1 SO4 R . 0.86 16.08 -29.22
O2 SO4 R . 1.19 18.22 -28.28
O3 SO4 R . -0.49 17.88 -29.89
O4 SO4 R . 1.77 17.81 -30.52
S SO4 S . 12.97 23.59 -6.85
O1 SO4 S . 12.55 22.60 -5.89
O2 SO4 S . 14.28 24.06 -6.50
O3 SO4 S . 12.98 23.02 -8.16
O4 SO4 S . 12.04 24.71 -6.82
S SO4 T . 11.54 5.15 -13.83
S SO4 T . 13.08 7.31 -12.35
O1 SO4 T . 10.78 3.95 -13.63
O1 SO4 T . 12.58 6.00 -12.04
O2 SO4 T . 12.20 5.52 -12.61
O2 SO4 T . 13.24 8.06 -11.14
O3 SO4 T . 10.66 6.21 -14.25
O3 SO4 T . 12.15 8.00 -13.22
O4 SO4 T . 12.53 4.92 -14.86
O4 SO4 T . 14.35 7.19 -13.01
CL CL U . 6.95 1.32 -17.77
CL CL U . 7.82 2.05 -18.55
#